data_1ZWG
#
_entry.id   1ZWG
#
_cell.length_a   1.000
_cell.length_b   1.000
_cell.length_c   1.000
_cell.angle_alpha   90.00
_cell.angle_beta   90.00
_cell.angle_gamma   90.00
#
_symmetry.space_group_name_H-M   'P 1'
#
_entity_poly.entity_id   1
_entity_poly.type   'polypeptide(L)'
_entity_poly.pdbx_seq_one_letter_code
;(SIN)EIQLMHNLGKHLNSMERVEWLRKKLQDVHNFVAL
;
_entity_poly.pdbx_strand_id   A
#
# COMPACT_ATOMS: atom_id res chain seq x y z
N GLU A 2 16.80 -6.39 -8.86
CA GLU A 2 16.11 -5.10 -8.47
C GLU A 2 14.79 -4.89 -9.27
N ILE A 3 14.26 -5.92 -9.91
CA ILE A 3 12.98 -5.77 -10.69
C ILE A 3 11.93 -6.77 -10.16
N GLN A 4 12.26 -8.05 -10.12
CA GLN A 4 11.33 -9.10 -9.61
C GLN A 4 11.22 -8.97 -8.07
N LEU A 5 12.36 -8.92 -7.39
CA LEU A 5 12.37 -8.78 -5.88
C LEU A 5 11.57 -7.54 -5.46
N MET A 6 11.82 -6.40 -6.09
CA MET A 6 11.07 -5.13 -5.75
C MET A 6 9.56 -5.34 -6.04
N HIS A 7 9.22 -5.97 -7.15
CA HIS A 7 7.78 -6.25 -7.50
C HIS A 7 7.16 -7.21 -6.45
N ASN A 8 7.94 -8.15 -5.93
CA ASN A 8 7.42 -9.12 -4.89
C ASN A 8 6.93 -8.39 -3.62
N LEU A 9 7.47 -7.22 -3.31
CA LEU A 9 7.03 -6.45 -2.07
C LEU A 9 5.52 -6.11 -2.20
N GLY A 10 5.15 -5.45 -3.29
CA GLY A 10 3.70 -5.10 -3.51
C GLY A 10 2.88 -6.36 -3.85
N LYS A 11 3.48 -7.30 -4.58
CA LYS A 11 2.77 -8.58 -4.93
C LYS A 11 2.54 -9.44 -3.66
N HIS A 12 3.30 -9.21 -2.59
CA HIS A 12 3.12 -10.00 -1.33
C HIS A 12 1.94 -9.41 -0.51
N LEU A 13 2.19 -8.48 0.43
CA LEU A 13 1.09 -7.87 1.27
C LEU A 13 0.20 -9.00 1.88
N ASN A 14 -1.05 -8.73 2.23
CA ASN A 14 -1.91 -9.82 2.83
C ASN A 14 -3.43 -9.44 2.80
N SER A 15 -4.05 -9.60 1.65
CA SER A 15 -5.54 -9.35 1.45
C SER A 15 -6.06 -7.98 1.95
N MET A 16 -6.26 -7.78 3.25
CA MET A 16 -6.79 -6.47 3.82
C MET A 16 -5.67 -5.44 3.82
N GLU A 17 -4.51 -5.80 4.34
CA GLU A 17 -3.34 -4.85 4.30
C GLU A 17 -2.98 -4.59 2.83
N ARG A 18 -3.31 -5.50 1.91
CA ARG A 18 -3.05 -5.30 0.45
C ARG A 18 -4.06 -4.29 -0.11
N VAL A 19 -5.31 -4.49 0.16
CA VAL A 19 -6.41 -3.59 -0.37
C VAL A 19 -6.34 -2.20 0.23
N GLU A 20 -6.21 -2.10 1.51
CA GLU A 20 -6.05 -0.78 2.17
C GLU A 20 -4.79 -0.08 1.63
N TRP A 21 -3.84 -0.89 1.19
CA TRP A 21 -2.57 -0.40 0.61
C TRP A 21 -2.84 0.04 -0.82
N LEU A 22 -3.58 -0.77 -1.55
CA LEU A 22 -3.89 -0.45 -2.96
C LEU A 22 -4.73 0.83 -3.01
N ARG A 23 -5.69 0.93 -2.09
CA ARG A 23 -6.56 2.15 -1.99
C ARG A 23 -5.70 3.35 -1.52
N LYS A 24 -4.76 3.11 -0.59
CA LYS A 24 -3.86 4.21 -0.08
C LYS A 24 -2.94 4.70 -1.22
N LYS A 25 -2.53 3.81 -2.10
CA LYS A 25 -1.65 4.18 -3.26
C LYS A 25 -2.37 5.20 -4.18
N LEU A 26 -3.64 5.00 -4.43
CA LEU A 26 -4.43 5.95 -5.29
C LEU A 26 -4.66 7.27 -4.52
N GLN A 27 -4.91 7.18 -3.23
CA GLN A 27 -5.14 8.41 -2.39
C GLN A 27 -3.86 8.75 -1.57
N ASP A 28 -2.67 8.46 -2.10
CA ASP A 28 -1.40 8.77 -1.37
C ASP A 28 -1.31 10.28 -1.19
N VAL A 29 -1.21 10.74 0.06
CA VAL A 29 -1.19 12.22 0.40
C VAL A 29 -2.35 12.95 -0.36
N HIS A 30 -3.48 12.27 -0.52
CA HIS A 30 -4.68 12.84 -1.21
C HIS A 30 -5.90 12.54 -0.33
N ASN A 31 -5.89 13.07 0.87
CA ASN A 31 -6.99 12.82 1.88
C ASN A 31 -6.66 13.60 3.16
N PHE A 32 -5.45 13.41 3.67
CA PHE A 32 -4.96 14.09 4.91
C PHE A 32 -5.14 15.64 4.79
N VAL A 33 -4.82 16.21 3.63
CA VAL A 33 -4.94 17.69 3.33
C VAL A 33 -4.27 17.90 1.94
N ALA A 34 -5.05 17.80 0.88
CA ALA A 34 -4.50 17.95 -0.52
C ALA A 34 -5.65 17.88 -1.56
N LEU A 35 -6.22 16.70 -1.76
CA LEU A 35 -7.35 16.54 -2.75
C LEU A 35 -8.14 15.26 -2.44
N GLU A 2 12.39 5.51 10.74
CA GLU A 2 11.35 5.20 9.69
C GLU A 2 11.81 4.05 8.77
N ILE A 3 13.11 3.83 8.60
CA ILE A 3 13.62 2.71 7.71
C ILE A 3 12.94 1.37 8.09
N GLN A 4 12.87 1.07 9.38
CA GLN A 4 12.19 -0.19 9.87
C GLN A 4 10.73 -0.22 9.38
N LEU A 5 10.02 0.87 9.53
CA LEU A 5 8.59 0.95 9.07
C LEU A 5 8.52 0.70 7.56
N MET A 6 9.44 1.29 6.79
CA MET A 6 9.47 1.06 5.30
C MET A 6 9.76 -0.43 5.01
N HIS A 7 10.63 -1.05 5.81
CA HIS A 7 10.95 -2.51 5.64
C HIS A 7 9.67 -3.34 5.83
N ASN A 8 8.82 -2.96 6.78
CA ASN A 8 7.53 -3.70 7.01
C ASN A 8 6.66 -3.62 5.74
N LEU A 9 6.58 -2.45 5.12
CA LEU A 9 5.75 -2.28 3.87
C LEU A 9 6.27 -3.24 2.78
N GLY A 10 5.36 -3.97 2.15
CA GLY A 10 5.75 -4.95 1.08
C GLY A 10 5.74 -6.37 1.65
N LYS A 11 6.34 -6.58 2.82
CA LYS A 11 6.38 -7.95 3.45
C LYS A 11 5.15 -8.10 4.37
N HIS A 12 4.84 -7.08 5.16
CA HIS A 12 3.66 -7.10 6.09
C HIS A 12 2.36 -7.20 5.29
N LEU A 13 2.14 -6.25 4.41
CA LEU A 13 0.88 -6.19 3.59
C LEU A 13 0.75 -7.45 2.69
N ASN A 14 -0.47 -7.83 2.35
CA ASN A 14 -0.66 -9.06 1.49
C ASN A 14 -2.13 -9.26 1.03
N SER A 15 -3.12 -9.02 1.87
CA SER A 15 -4.56 -9.22 1.45
C SER A 15 -5.43 -8.07 2.01
N MET A 16 -5.69 -8.06 3.32
CA MET A 16 -6.48 -6.94 3.95
C MET A 16 -5.57 -5.72 4.15
N GLU A 17 -4.27 -5.92 4.16
CA GLU A 17 -3.30 -4.79 4.29
C GLU A 17 -2.97 -4.33 2.85
N ARG A 18 -2.92 -5.26 1.89
CA ARG A 18 -2.68 -4.91 0.44
C ARG A 18 -3.89 -4.12 -0.09
N VAL A 19 -5.09 -4.53 0.26
CA VAL A 19 -6.34 -3.82 -0.23
C VAL A 19 -6.39 -2.38 0.26
N GLU A 20 -6.14 -2.17 1.51
CA GLU A 20 -6.08 -0.79 2.07
C GLU A 20 -4.86 -0.07 1.46
N TRP A 21 -3.86 -0.85 1.12
CA TRP A 21 -2.64 -0.31 0.44
C TRP A 21 -3.03 0.11 -0.96
N LEU A 22 -3.90 -0.67 -1.58
CA LEU A 22 -4.30 -0.38 -2.98
C LEU A 22 -5.19 0.87 -2.99
N ARG A 23 -6.11 0.97 -2.04
CA ARG A 23 -6.99 2.19 -1.92
C ARG A 23 -6.12 3.40 -1.48
N LYS A 24 -5.03 3.17 -0.75
CA LYS A 24 -4.12 4.28 -0.31
C LYS A 24 -2.99 4.51 -1.34
N LYS A 25 -2.84 3.63 -2.33
CA LYS A 25 -1.79 3.80 -3.38
C LYS A 25 -2.11 5.03 -4.23
N LEU A 26 -3.39 5.22 -4.53
CA LEU A 26 -3.84 6.43 -5.28
C LEU A 26 -3.72 7.62 -4.31
N GLN A 27 -3.95 7.37 -3.02
CA GLN A 27 -3.85 8.41 -1.97
C GLN A 27 -2.44 8.35 -1.29
N ASP A 28 -1.38 8.00 -2.02
CA ASP A 28 -0.02 7.98 -1.39
C ASP A 28 0.38 9.46 -1.21
N VAL A 29 0.42 9.93 0.04
CA VAL A 29 0.67 11.40 0.32
C VAL A 29 -0.59 12.17 -0.16
N HIS A 30 -1.76 11.52 0.00
CA HIS A 30 -3.16 12.08 -0.30
C HIS A 30 -3.17 13.51 0.27
N ASN A 31 -2.82 14.52 -0.53
CA ASN A 31 -2.64 15.93 0.00
C ASN A 31 -1.25 15.86 0.69
N PHE A 32 -1.18 15.07 1.75
CA PHE A 32 0.06 14.74 2.46
C PHE A 32 -0.31 13.78 3.64
N VAL A 33 -0.55 14.30 4.87
CA VAL A 33 -0.91 13.47 6.11
C VAL A 33 -0.43 12.00 6.01
N ALA A 34 0.83 11.80 5.64
CA ALA A 34 1.37 10.43 5.46
C ALA A 34 2.89 10.34 5.79
N LEU A 35 3.42 11.26 6.59
CA LEU A 35 4.89 11.22 6.95
C LEU A 35 5.17 12.17 8.14
N GLU A 2 6.97 -19.03 -6.55
CA GLU A 2 6.47 -17.60 -6.54
C GLU A 2 6.37 -17.04 -5.10
N ILE A 3 7.14 -17.57 -4.14
CA ILE A 3 7.09 -17.07 -2.72
C ILE A 3 7.79 -15.68 -2.63
N GLN A 4 8.91 -15.51 -3.32
CA GLN A 4 9.63 -14.19 -3.28
C GLN A 4 8.81 -13.14 -4.04
N LEU A 5 8.27 -13.49 -5.21
CA LEU A 5 7.45 -12.53 -6.01
C LEU A 5 6.20 -12.11 -5.22
N MET A 6 5.46 -13.05 -4.64
CA MET A 6 4.24 -12.70 -3.83
C MET A 6 4.65 -11.94 -2.53
N HIS A 7 5.85 -12.18 -2.00
CA HIS A 7 6.30 -11.47 -0.75
C HIS A 7 6.73 -10.01 -1.04
N ASN A 8 6.87 -9.62 -2.32
CA ASN A 8 7.26 -8.21 -2.66
C ASN A 8 6.02 -7.37 -3.04
N LEU A 9 4.80 -7.81 -2.70
CA LEU A 9 3.58 -7.02 -3.08
C LEU A 9 3.36 -5.85 -2.10
N GLY A 10 4.10 -4.79 -2.33
CA GLY A 10 4.09 -3.61 -1.38
C GLY A 10 4.81 -4.11 -0.13
N LYS A 11 5.95 -4.80 -0.32
CA LYS A 11 6.65 -5.49 0.83
C LYS A 11 5.59 -6.51 1.38
N HIS A 12 4.73 -7.02 0.46
CA HIS A 12 3.57 -7.94 0.74
C HIS A 12 3.04 -7.73 2.16
N LEU A 13 2.54 -6.54 2.33
CA LEU A 13 1.95 -6.03 3.60
C LEU A 13 0.88 -6.97 4.23
N ASN A 14 0.22 -7.88 3.46
CA ASN A 14 -0.88 -8.84 3.97
C ASN A 14 -2.11 -8.74 3.02
N SER A 15 -3.01 -9.72 3.03
CA SER A 15 -4.23 -9.68 2.13
C SER A 15 -5.10 -8.42 2.41
N MET A 16 -5.51 -8.21 3.66
CA MET A 16 -6.34 -6.98 4.01
C MET A 16 -5.43 -5.73 4.06
N GLU A 17 -4.12 -5.90 4.17
CA GLU A 17 -3.21 -4.72 4.15
C GLU A 17 -3.05 -4.26 2.71
N ARG A 18 -3.01 -5.19 1.76
CA ARG A 18 -2.87 -4.86 0.29
C ARG A 18 -4.08 -4.07 -0.18
N VAL A 19 -5.25 -4.54 0.13
CA VAL A 19 -6.50 -3.84 -0.29
C VAL A 19 -6.55 -2.40 0.21
N GLU A 20 -6.25 -2.20 1.46
CA GLU A 20 -6.18 -0.83 2.03
C GLU A 20 -4.93 -0.14 1.47
N TRP A 21 -3.91 -0.93 1.14
CA TRP A 21 -2.66 -0.41 0.53
C TRP A 21 -2.99 0.07 -0.88
N LEU A 22 -3.88 -0.65 -1.53
CA LEU A 22 -4.25 -0.29 -2.92
C LEU A 22 -5.12 0.99 -2.88
N ARG A 23 -6.05 1.04 -1.94
CA ARG A 23 -6.91 2.26 -1.76
C ARG A 23 -6.04 3.46 -1.29
N LYS A 24 -4.93 3.20 -0.60
CA LYS A 24 -4.03 4.30 -0.14
C LYS A 24 -3.03 4.67 -1.25
N LYS A 25 -2.58 3.71 -2.03
CA LYS A 25 -1.59 3.96 -3.14
C LYS A 25 -2.06 5.05 -4.12
N LEU A 26 -3.33 5.05 -4.48
CA LEU A 26 -3.88 6.10 -5.43
C LEU A 26 -3.70 7.51 -4.83
N GLN A 27 -3.83 7.65 -3.51
CA GLN A 27 -3.65 8.98 -2.85
C GLN A 27 -2.15 9.23 -2.55
N ASP A 28 -1.34 8.18 -2.37
CA ASP A 28 0.14 8.34 -2.10
C ASP A 28 0.77 9.04 -3.33
N VAL A 29 0.53 8.49 -4.52
CA VAL A 29 1.04 9.12 -5.79
C VAL A 29 0.31 10.49 -6.01
N HIS A 30 -0.87 10.66 -5.42
CA HIS A 30 -1.61 11.97 -5.52
C HIS A 30 -1.30 12.78 -4.24
N ASN A 31 -0.04 12.89 -3.90
CA ASN A 31 0.41 13.61 -2.67
C ASN A 31 1.87 14.06 -2.83
N PHE A 32 2.74 13.15 -3.26
CA PHE A 32 4.19 13.43 -3.46
C PHE A 32 4.38 14.44 -4.65
N VAL A 33 4.20 15.74 -4.36
CA VAL A 33 4.31 16.85 -5.40
C VAL A 33 3.62 16.43 -6.74
N ALA A 34 2.41 15.90 -6.64
CA ALA A 34 1.65 15.44 -7.85
C ALA A 34 0.87 16.64 -8.43
N LEU A 35 1.52 17.39 -9.31
CA LEU A 35 0.87 18.60 -9.94
C LEU A 35 0.83 18.42 -11.47
N GLU A 2 8.02 -7.25 -12.31
CA GLU A 2 7.95 -6.20 -11.23
C GLU A 2 6.63 -6.35 -10.43
N ILE A 3 6.49 -7.44 -9.70
CA ILE A 3 5.24 -7.66 -8.88
C ILE A 3 5.61 -8.02 -7.41
N GLN A 4 6.67 -8.79 -7.18
CA GLN A 4 7.06 -9.15 -5.77
C GLN A 4 7.72 -7.93 -5.09
N LEU A 5 8.61 -7.23 -5.79
CA LEU A 5 9.30 -6.02 -5.21
C LEU A 5 8.24 -4.96 -4.83
N MET A 6 7.38 -4.59 -5.76
CA MET A 6 6.30 -3.57 -5.46
C MET A 6 5.34 -4.09 -4.36
N HIS A 7 5.10 -5.40 -4.30
CA HIS A 7 4.18 -5.99 -3.25
C HIS A 7 4.75 -5.69 -1.85
N ASN A 8 6.06 -5.74 -1.67
CA ASN A 8 6.69 -5.48 -0.32
C ASN A 8 6.81 -3.98 0.01
N LEU A 9 5.80 -3.18 -0.30
CA LEU A 9 5.82 -1.74 0.10
C LEU A 9 4.57 -1.47 0.92
N GLY A 10 4.41 -0.27 1.48
CA GLY A 10 3.25 -0.07 2.45
C GLY A 10 3.60 -1.06 3.58
N LYS A 11 4.91 -1.10 3.92
CA LYS A 11 5.52 -2.12 4.82
C LYS A 11 5.89 -3.30 3.90
N HIS A 12 4.85 -3.86 3.28
CA HIS A 12 4.89 -5.05 2.35
C HIS A 12 3.53 -5.78 2.37
N LEU A 13 2.72 -5.59 3.44
CA LEU A 13 1.33 -6.15 3.60
C LEU A 13 1.09 -7.55 2.96
N ASN A 14 -0.16 -7.90 2.60
CA ASN A 14 -0.43 -9.26 1.98
C ASN A 14 -1.87 -9.41 1.45
N SER A 15 -2.91 -9.05 2.21
CA SER A 15 -4.33 -9.22 1.72
C SER A 15 -5.22 -8.06 2.24
N MET A 16 -5.66 -8.10 3.49
CA MET A 16 -6.50 -6.97 4.07
C MET A 16 -5.64 -5.70 4.21
N GLU A 17 -4.33 -5.84 4.32
CA GLU A 17 -3.42 -4.64 4.36
C GLU A 17 -3.04 -4.29 2.90
N ARG A 18 -3.09 -5.26 1.97
CA ARG A 18 -2.81 -5.00 0.51
C ARG A 18 -3.97 -4.19 -0.07
N VAL A 19 -5.17 -4.60 0.20
CA VAL A 19 -6.40 -3.88 -0.30
C VAL A 19 -6.42 -2.43 0.17
N GLU A 20 -6.16 -2.22 1.44
CA GLU A 20 -6.07 -0.84 2.00
C GLU A 20 -4.82 -0.17 1.42
N TRP A 21 -3.82 -0.98 1.08
CA TRP A 21 -2.58 -0.47 0.42
C TRP A 21 -2.94 -0.02 -0.97
N LEU A 22 -3.81 -0.76 -1.61
CA LEU A 22 -4.21 -0.42 -3.01
C LEU A 22 -5.05 0.86 -3.00
N ARG A 23 -5.97 0.97 -2.05
CA ARG A 23 -6.82 2.20 -1.91
C ARG A 23 -5.92 3.40 -1.47
N LYS A 24 -4.87 3.14 -0.70
CA LYS A 24 -3.96 4.24 -0.24
C LYS A 24 -2.99 4.64 -1.38
N LYS A 25 -2.63 3.70 -2.25
CA LYS A 25 -1.69 4.01 -3.39
C LYS A 25 -2.19 5.22 -4.21
N LEU A 26 -3.50 5.34 -4.38
CA LEU A 26 -4.09 6.50 -5.14
C LEU A 26 -3.87 7.80 -4.35
N GLN A 27 -4.03 7.76 -3.03
CA GLN A 27 -3.82 8.98 -2.18
C GLN A 27 -2.40 8.95 -1.58
N ASP A 28 -2.17 8.16 -0.52
CA ASP A 28 -0.82 8.03 0.14
C ASP A 28 -0.37 9.35 0.78
N VAL A 29 -0.01 10.34 -0.02
CA VAL A 29 0.40 11.68 0.54
C VAL A 29 -0.81 12.36 1.20
N HIS A 30 -1.98 12.25 0.58
CA HIS A 30 -3.23 12.85 1.19
C HIS A 30 -3.56 12.12 2.50
N ASN A 31 -3.19 10.85 2.64
CA ASN A 31 -3.41 10.09 3.92
C ASN A 31 -2.63 10.80 5.05
N PHE A 32 -1.42 11.29 4.76
CA PHE A 32 -0.64 12.03 5.80
C PHE A 32 -0.77 13.57 5.57
N VAL A 33 -1.96 14.03 5.17
CA VAL A 33 -2.26 15.50 4.92
C VAL A 33 -1.59 15.95 3.60
N ALA A 34 -0.27 15.92 3.52
CA ALA A 34 0.50 16.36 2.28
C ALA A 34 0.56 17.90 2.22
N LEU A 35 -0.58 18.57 2.11
CA LEU A 35 -0.60 20.08 2.06
C LEU A 35 -1.51 20.62 3.19
N GLU A 2 2.47 -19.87 -9.36
CA GLU A 2 2.66 -18.42 -8.96
C GLU A 2 3.40 -18.29 -7.61
N ILE A 3 4.43 -19.10 -7.40
CA ILE A 3 5.22 -19.05 -6.11
C ILE A 3 6.01 -17.72 -6.02
N GLN A 4 6.62 -17.30 -7.11
CA GLN A 4 7.42 -16.01 -7.10
C GLN A 4 6.55 -14.79 -6.75
N LEU A 5 5.41 -14.62 -7.41
CA LEU A 5 4.53 -13.43 -7.13
C LEU A 5 3.92 -13.52 -5.73
N MET A 6 3.43 -14.69 -5.31
CA MET A 6 2.86 -14.82 -3.92
C MET A 6 3.97 -14.59 -2.86
N HIS A 7 5.23 -14.85 -3.20
CA HIS A 7 6.36 -14.62 -2.25
C HIS A 7 6.65 -13.09 -2.21
N ASN A 8 6.63 -12.44 -3.37
CA ASN A 8 6.88 -10.96 -3.44
C ASN A 8 5.75 -10.18 -2.73
N LEU A 9 4.51 -10.54 -3.02
CA LEU A 9 3.33 -9.84 -2.39
C LEU A 9 2.94 -10.53 -1.08
N GLY A 10 2.30 -9.79 -0.19
CA GLY A 10 1.87 -10.38 1.14
C GLY A 10 3.08 -10.46 2.10
N LYS A 11 4.21 -11.02 1.67
CA LYS A 11 5.44 -11.05 2.55
C LYS A 11 5.79 -9.59 2.92
N HIS A 12 5.61 -8.67 1.98
CA HIS A 12 5.85 -7.21 2.22
C HIS A 12 4.72 -6.68 3.16
N LEU A 13 3.47 -7.08 2.92
CA LEU A 13 2.32 -6.63 3.80
C LEU A 13 1.50 -7.86 4.25
N ASN A 14 0.44 -8.26 3.51
CA ASN A 14 -0.40 -9.46 3.92
C ASN A 14 -1.62 -9.66 2.96
N SER A 15 -2.76 -9.01 3.21
CA SER A 15 -4.00 -9.20 2.34
C SER A 15 -4.97 -8.00 2.55
N MET A 16 -5.46 -7.78 3.77
CA MET A 16 -6.35 -6.59 4.05
C MET A 16 -5.46 -5.34 3.98
N GLU A 17 -4.25 -5.45 4.49
CA GLU A 17 -3.26 -4.32 4.37
C GLU A 17 -2.99 -4.09 2.86
N ARG A 18 -3.14 -5.13 2.01
CA ARG A 18 -2.93 -5.01 0.53
C ARG A 18 -4.08 -4.24 -0.09
N VAL A 19 -5.28 -4.60 0.23
CA VAL A 19 -6.50 -3.89 -0.33
C VAL A 19 -6.51 -2.44 0.16
N GLU A 20 -6.21 -2.26 1.40
CA GLU A 20 -6.10 -0.88 1.98
C GLU A 20 -4.84 -0.24 1.38
N TRP A 21 -3.87 -1.06 1.00
CA TRP A 21 -2.62 -0.56 0.32
C TRP A 21 -2.99 -0.12 -1.06
N LEU A 22 -3.88 -0.84 -1.69
CA LEU A 22 -4.27 -0.51 -3.08
C LEU A 22 -5.09 0.79 -3.09
N ARG A 23 -6.04 0.90 -2.16
CA ARG A 23 -6.86 2.14 -2.03
C ARG A 23 -5.97 3.31 -1.56
N LYS A 24 -5.03 3.05 -0.65
CA LYS A 24 -4.12 4.12 -0.14
C LYS A 24 -3.05 4.49 -1.19
N LYS A 25 -2.76 3.60 -2.13
CA LYS A 25 -1.75 3.91 -3.21
C LYS A 25 -2.17 5.14 -4.03
N LEU A 26 -3.46 5.28 -4.29
CA LEU A 26 -3.97 6.47 -5.05
C LEU A 26 -3.85 7.72 -4.16
N GLN A 27 -4.19 7.57 -2.89
CA GLN A 27 -4.08 8.72 -1.91
C GLN A 27 -2.81 8.53 -1.03
N ASP A 28 -1.69 8.16 -1.65
CA ASP A 28 -0.41 7.96 -0.89
C ASP A 28 0.04 9.31 -0.29
N VAL A 29 0.12 10.34 -1.12
CA VAL A 29 0.49 11.71 -0.62
C VAL A 29 -0.82 12.53 -0.45
N HIS A 30 -1.80 11.94 0.21
CA HIS A 30 -3.12 12.61 0.46
C HIS A 30 -3.58 12.23 1.88
N ASN A 31 -3.61 10.92 2.18
CA ASN A 31 -3.98 10.41 3.54
C ASN A 31 -3.06 11.01 4.62
N PHE A 32 -1.81 11.27 4.27
CA PHE A 32 -0.80 11.84 5.24
C PHE A 32 -0.95 13.38 5.43
N VAL A 33 -2.13 13.96 5.13
CA VAL A 33 -2.36 15.45 5.26
C VAL A 33 -1.54 16.18 4.19
N ALA A 34 -2.06 16.22 2.97
CA ALA A 34 -1.34 16.90 1.83
C ALA A 34 -1.80 18.37 1.74
N LEU A 35 -3.11 18.61 1.73
CA LEU A 35 -3.65 20.00 1.65
C LEU A 35 -3.98 20.52 3.07
N GLU A 2 -11.41 -15.63 -4.08
CA GLU A 2 -10.99 -14.28 -3.54
C GLU A 2 -9.90 -14.43 -2.46
N ILE A 3 -9.97 -15.46 -1.62
CA ILE A 3 -8.92 -15.67 -0.56
C ILE A 3 -7.56 -16.00 -1.23
N GLN A 4 -7.56 -16.77 -2.30
CA GLN A 4 -6.28 -17.09 -3.02
C GLN A 4 -5.75 -15.81 -3.71
N LEU A 5 -6.63 -15.04 -4.32
CA LEU A 5 -6.22 -13.76 -5.01
C LEU A 5 -5.60 -12.78 -3.99
N MET A 6 -6.28 -12.52 -2.88
CA MET A 6 -5.73 -11.57 -1.84
C MET A 6 -4.44 -12.16 -1.18
N HIS A 7 -4.30 -13.47 -1.13
CA HIS A 7 -3.06 -14.09 -0.53
C HIS A 7 -1.89 -14.00 -1.54
N ASN A 8 -2.18 -14.17 -2.83
CA ASN A 8 -1.11 -14.08 -3.90
C ASN A 8 -0.58 -12.63 -3.97
N LEU A 9 -1.50 -11.67 -4.01
CA LEU A 9 -1.11 -10.21 -4.06
C LEU A 9 -0.60 -9.79 -2.67
N GLY A 10 -1.25 -10.24 -1.60
CA GLY A 10 -0.80 -9.92 -0.22
C GLY A 10 0.55 -10.61 0.11
N LYS A 11 1.01 -11.56 -0.72
CA LYS A 11 2.37 -12.17 -0.47
C LYS A 11 3.41 -11.03 -0.49
N HIS A 12 3.13 -9.97 -1.27
CA HIS A 12 4.00 -8.76 -1.33
C HIS A 12 3.83 -7.98 0.01
N LEU A 13 2.60 -7.76 0.50
CA LEU A 13 2.42 -7.04 1.81
C LEU A 13 1.41 -7.78 2.75
N ASN A 14 0.17 -8.04 2.31
CA ASN A 14 -0.83 -8.79 3.18
C ASN A 14 -2.21 -8.87 2.46
N SER A 15 -3.05 -9.79 2.88
CA SER A 15 -4.42 -9.94 2.24
C SER A 15 -5.33 -8.73 2.55
N MET A 16 -5.49 -8.36 3.81
CA MET A 16 -6.35 -7.18 4.18
C MET A 16 -5.50 -5.88 4.26
N GLU A 17 -4.18 -5.97 4.16
CA GLU A 17 -3.33 -4.74 4.18
C GLU A 17 -3.04 -4.31 2.74
N ARG A 18 -3.02 -5.25 1.78
CA ARG A 18 -2.81 -4.88 0.33
C ARG A 18 -3.99 -4.04 -0.10
N VAL A 19 -5.16 -4.52 0.12
CA VAL A 19 -6.44 -3.80 -0.22
C VAL A 19 -6.43 -2.36 0.28
N GLU A 20 -6.10 -2.17 1.53
CA GLU A 20 -5.99 -0.80 2.11
C GLU A 20 -4.82 -0.08 1.43
N TRP A 21 -3.81 -0.85 1.07
CA TRP A 21 -2.63 -0.31 0.34
C TRP A 21 -3.03 0.09 -1.06
N LEU A 22 -3.93 -0.66 -1.64
CA LEU A 22 -4.35 -0.36 -3.04
C LEU A 22 -5.23 0.90 -3.04
N ARG A 23 -6.15 0.99 -2.08
CA ARG A 23 -7.03 2.19 -1.94
C ARG A 23 -6.19 3.41 -1.48
N LYS A 24 -5.10 3.19 -0.74
CA LYS A 24 -4.24 4.32 -0.26
C LYS A 24 -3.11 4.65 -1.26
N LYS A 25 -2.77 3.72 -2.15
CA LYS A 25 -1.68 3.94 -3.16
C LYS A 25 -2.02 5.10 -4.09
N LEU A 26 -3.29 5.27 -4.43
CA LEU A 26 -3.72 6.41 -5.31
C LEU A 26 -3.38 7.73 -4.59
N GLN A 27 -3.42 7.73 -3.26
CA GLN A 27 -3.07 8.94 -2.48
C GLN A 27 -1.56 8.92 -2.15
N ASP A 28 -1.11 8.10 -1.18
CA ASP A 28 0.36 8.06 -0.78
C ASP A 28 0.91 9.52 -0.63
N VAL A 29 0.04 10.39 -0.16
CA VAL A 29 0.26 11.87 0.02
C VAL A 29 -1.04 12.41 0.61
N HIS A 30 -2.21 12.05 0.04
CA HIS A 30 -3.56 12.45 0.61
C HIS A 30 -3.52 13.95 1.02
N ASN A 31 -2.98 14.79 0.15
CA ASN A 31 -2.84 16.28 0.40
C ASN A 31 -1.62 16.57 1.37
N PHE A 32 -0.64 15.66 1.42
CA PHE A 32 0.59 15.81 2.27
C PHE A 32 1.65 14.76 1.83
N VAL A 33 2.42 14.17 2.74
CA VAL A 33 3.46 13.15 2.37
C VAL A 33 3.32 11.93 3.30
N ALA A 34 2.82 10.83 2.78
CA ALA A 34 2.65 9.58 3.62
C ALA A 34 2.81 8.35 2.71
N LEU A 35 3.82 7.53 2.96
CA LEU A 35 4.05 6.30 2.11
C LEU A 35 3.15 5.14 2.59
N GLU A 2 17.85 -1.18 8.13
CA GLU A 2 16.48 -1.25 8.78
C GLU A 2 15.56 -0.14 8.22
N ILE A 3 16.06 1.07 8.00
CA ILE A 3 15.18 2.18 7.46
C ILE A 3 14.67 1.84 6.03
N GLN A 4 15.34 0.95 5.30
CA GLN A 4 14.86 0.57 3.93
C GLN A 4 13.77 -0.49 4.06
N LEU A 5 14.05 -1.60 4.75
CA LEU A 5 13.01 -2.68 4.93
C LEU A 5 11.77 -2.13 5.68
N MET A 6 11.95 -1.20 6.62
CA MET A 6 10.78 -0.59 7.35
C MET A 6 9.89 0.16 6.35
N HIS A 7 10.48 0.87 5.40
CA HIS A 7 9.69 1.62 4.35
C HIS A 7 8.89 0.61 3.49
N ASN A 8 9.44 -0.58 3.25
CA ASN A 8 8.73 -1.63 2.44
C ASN A 8 7.43 -2.10 3.14
N LEU A 9 7.34 -2.01 4.46
CA LEU A 9 6.10 -2.48 5.19
C LEU A 9 4.87 -1.66 4.75
N GLY A 10 5.00 -0.35 4.63
CA GLY A 10 3.84 0.52 4.22
C GLY A 10 3.49 0.35 2.71
N LYS A 11 4.26 -0.43 1.95
CA LYS A 11 3.96 -0.66 0.48
C LYS A 11 3.67 -2.16 0.22
N HIS A 12 4.30 -3.06 0.96
CA HIS A 12 4.11 -4.55 0.78
C HIS A 12 3.12 -5.11 1.82
N LEU A 13 2.98 -4.42 2.97
CA LEU A 13 2.04 -4.79 4.11
C LEU A 13 1.64 -6.30 4.15
N ASN A 14 0.44 -6.72 3.68
CA ASN A 14 0.08 -8.18 3.81
C ASN A 14 -1.13 -8.65 2.91
N SER A 15 -2.39 -8.40 3.30
CA SER A 15 -3.58 -8.91 2.49
C SER A 15 -4.74 -7.90 2.57
N MET A 16 -5.33 -7.71 3.74
CA MET A 16 -6.42 -6.66 3.92
C MET A 16 -5.69 -5.30 3.93
N GLU A 17 -4.51 -5.28 4.54
CA GLU A 17 -3.65 -4.05 4.49
C GLU A 17 -3.11 -3.92 3.04
N ARG A 18 -3.08 -5.03 2.25
CA ARG A 18 -2.64 -5.00 0.80
C ARG A 18 -3.79 -4.54 -0.12
N VAL A 19 -5.01 -4.67 0.32
CA VAL A 19 -6.19 -4.17 -0.51
C VAL A 19 -6.41 -2.70 -0.13
N GLU A 20 -6.30 -2.40 1.14
CA GLU A 20 -6.32 -1.00 1.62
C GLU A 20 -4.99 -0.36 1.18
N TRP A 21 -3.98 -1.19 0.90
CA TRP A 21 -2.66 -0.75 0.34
C TRP A 21 -2.99 -0.12 -1.00
N LEU A 22 -3.96 -0.68 -1.70
CA LEU A 22 -4.31 -0.07 -3.00
C LEU A 22 -5.21 1.16 -2.77
N ARG A 23 -6.03 1.14 -1.73
CA ARG A 23 -6.86 2.34 -1.36
C ARG A 23 -5.88 3.50 -1.05
N LYS A 24 -4.70 3.18 -0.49
CA LYS A 24 -3.64 4.19 -0.17
C LYS A 24 -2.76 4.46 -1.40
N LYS A 25 -2.67 3.52 -2.36
CA LYS A 25 -1.84 3.72 -3.61
C LYS A 25 -2.30 5.00 -4.32
N LEU A 26 -3.60 5.18 -4.48
CA LEU A 26 -4.14 6.43 -5.11
C LEU A 26 -3.95 7.61 -4.12
N GLN A 27 -3.96 7.34 -2.82
CA GLN A 27 -3.74 8.40 -1.79
C GLN A 27 -2.26 8.41 -1.32
N ASP A 28 -1.32 8.27 -2.25
CA ASP A 28 0.14 8.30 -1.88
C ASP A 28 0.69 9.70 -2.19
N VAL A 29 0.62 10.15 -3.45
CA VAL A 29 1.14 11.53 -3.82
C VAL A 29 0.03 12.44 -4.37
N HIS A 30 -1.15 11.90 -4.76
CA HIS A 30 -2.39 12.70 -5.19
C HIS A 30 -2.31 14.18 -4.64
N ASN A 31 -2.07 14.28 -3.34
CA ASN A 31 -1.82 15.57 -2.62
C ASN A 31 -1.00 15.22 -1.31
N PHE A 32 -0.19 14.11 -1.33
CA PHE A 32 0.71 13.65 -0.17
C PHE A 32 0.00 13.73 1.20
N VAL A 33 -0.58 12.60 1.64
CA VAL A 33 -1.33 12.50 2.96
C VAL A 33 -2.11 13.80 3.25
N ALA A 34 -2.92 14.22 2.30
CA ALA A 34 -3.70 15.48 2.44
C ALA A 34 -5.20 15.21 2.13
N LEU A 35 -5.93 16.21 1.67
CA LEU A 35 -7.39 16.03 1.37
C LEU A 35 -7.62 16.17 -0.16
N GLU A 2 19.18 -5.39 5.75
CA GLU A 2 18.43 -4.83 4.57
C GLU A 2 17.36 -5.84 4.10
N ILE A 3 17.75 -7.08 3.84
CA ILE A 3 16.78 -8.14 3.37
C ILE A 3 15.61 -8.26 4.38
N GLN A 4 15.90 -8.22 5.67
CA GLN A 4 14.83 -8.29 6.72
C GLN A 4 13.98 -7.02 6.67
N LEU A 5 14.61 -5.85 6.53
CA LEU A 5 13.87 -4.55 6.45
C LEU A 5 12.87 -4.60 5.28
N MET A 6 13.32 -4.95 4.07
CA MET A 6 12.39 -5.04 2.89
C MET A 6 11.41 -6.23 3.08
N HIS A 7 11.81 -7.28 3.78
CA HIS A 7 10.91 -8.47 4.03
C HIS A 7 9.66 -8.05 4.85
N ASN A 8 9.77 -7.04 5.70
CA ASN A 8 8.58 -6.59 6.52
C ASN A 8 7.71 -5.56 5.76
N LEU A 9 7.54 -5.73 4.45
CA LEU A 9 6.69 -4.79 3.64
C LEU A 9 5.70 -5.62 2.80
N GLY A 10 6.21 -6.44 1.88
CA GLY A 10 5.31 -7.30 1.03
C GLY A 10 4.77 -8.48 1.85
N LYS A 11 5.61 -9.10 2.66
CA LYS A 11 5.14 -10.23 3.54
C LYS A 11 4.30 -9.64 4.70
N HIS A 12 4.65 -8.44 5.16
CA HIS A 12 3.89 -7.75 6.27
C HIS A 12 2.44 -7.47 5.80
N LEU A 13 2.29 -6.78 4.68
CA LEU A 13 0.94 -6.43 4.16
C LEU A 13 0.35 -7.63 3.37
N ASN A 14 -0.97 -7.72 3.29
CA ASN A 14 -1.65 -8.86 2.55
C ASN A 14 -3.18 -8.77 2.68
N SER A 15 -3.91 -9.29 1.69
CA SER A 15 -5.43 -9.31 1.69
C SER A 15 -6.08 -7.96 2.13
N MET A 16 -6.24 -7.71 3.43
CA MET A 16 -6.87 -6.44 3.93
C MET A 16 -5.80 -5.33 4.04
N GLU A 17 -4.59 -5.69 4.38
CA GLU A 17 -3.47 -4.67 4.45
C GLU A 17 -3.04 -4.36 3.00
N ARG A 18 -3.14 -5.34 2.10
CA ARG A 18 -2.79 -5.14 0.64
C ARG A 18 -3.90 -4.32 -0.03
N VAL A 19 -5.16 -4.61 0.25
CA VAL A 19 -6.29 -3.84 -0.38
C VAL A 19 -6.30 -2.40 0.07
N GLU A 20 -6.10 -2.19 1.34
CA GLU A 20 -5.99 -0.81 1.88
C GLU A 20 -4.69 -0.18 1.36
N TRP A 21 -3.73 -1.02 1.04
CA TRP A 21 -2.45 -0.54 0.43
C TRP A 21 -2.77 -0.09 -0.99
N LEU A 22 -3.65 -0.82 -1.64
CA LEU A 22 -4.02 -0.49 -3.04
C LEU A 22 -4.88 0.79 -3.04
N ARG A 23 -5.81 0.89 -2.10
CA ARG A 23 -6.68 2.11 -1.98
C ARG A 23 -5.82 3.31 -1.51
N LYS A 24 -4.79 3.06 -0.71
CA LYS A 24 -3.87 4.16 -0.23
C LYS A 24 -2.91 4.56 -1.38
N LYS A 25 -2.66 3.68 -2.34
CA LYS A 25 -1.77 4.03 -3.50
C LYS A 25 -2.38 5.22 -4.26
N LEU A 26 -3.71 5.25 -4.37
CA LEU A 26 -4.41 6.42 -4.99
C LEU A 26 -4.48 7.50 -3.90
N GLN A 27 -4.70 7.09 -2.64
CA GLN A 27 -4.76 8.04 -1.50
C GLN A 27 -3.35 8.20 -0.87
N ASP A 28 -2.40 8.65 -1.66
CA ASP A 28 -1.01 8.91 -1.13
C ASP A 28 -0.77 10.44 -1.07
N VAL A 29 -1.27 11.21 -2.05
CA VAL A 29 -1.11 12.71 -2.05
C VAL A 29 -2.46 13.41 -2.27
N HIS A 30 -3.36 12.93 -3.17
CA HIS A 30 -4.78 13.52 -3.38
C HIS A 30 -4.88 14.95 -2.74
N ASN A 31 -5.51 15.08 -1.57
CA ASN A 31 -5.52 16.38 -0.80
C ASN A 31 -4.16 16.44 -0.12
N PHE A 32 -3.82 15.31 0.53
CA PHE A 32 -2.54 15.06 1.25
C PHE A 32 -2.81 14.17 2.50
N VAL A 33 -3.97 14.27 3.14
CA VAL A 33 -4.30 13.40 4.36
C VAL A 33 -4.14 11.92 3.96
N ALA A 34 -2.93 11.43 4.12
CA ALA A 34 -2.57 10.07 3.65
C ALA A 34 -1.73 9.33 4.70
N LEU A 35 -2.29 8.31 5.30
CA LEU A 35 -1.55 7.51 6.33
C LEU A 35 -1.11 6.17 5.71
N GLU A 2 7.55 -12.32 -9.58
CA GLU A 2 8.57 -11.38 -9.04
C GLU A 2 8.71 -11.60 -7.53
N ILE A 3 9.60 -12.49 -7.13
CA ILE A 3 9.82 -12.81 -5.67
C ILE A 3 10.27 -11.56 -4.89
N GLN A 4 11.09 -10.70 -5.49
CA GLN A 4 11.56 -9.44 -4.79
C GLN A 4 10.38 -8.47 -4.65
N LEU A 5 9.56 -8.36 -5.67
CA LEU A 5 8.37 -7.43 -5.64
C LEU A 5 7.36 -7.90 -4.59
N MET A 6 6.96 -9.16 -4.62
CA MET A 6 5.98 -9.69 -3.61
C MET A 6 6.59 -9.67 -2.19
N HIS A 7 7.90 -9.82 -2.07
CA HIS A 7 8.56 -9.77 -0.71
C HIS A 7 8.59 -8.32 -0.21
N ASN A 8 8.98 -7.37 -1.06
CA ASN A 8 9.04 -5.92 -0.65
C ASN A 8 7.66 -5.40 -0.20
N LEU A 9 6.60 -5.76 -0.90
CA LEU A 9 5.22 -5.27 -0.54
C LEU A 9 4.57 -6.22 0.48
N GLY A 10 4.50 -7.52 0.19
CA GLY A 10 3.87 -8.51 1.15
C GLY A 10 4.58 -8.49 2.54
N LYS A 11 5.82 -8.04 2.62
CA LYS A 11 6.50 -7.93 3.96
C LYS A 11 5.73 -6.88 4.82
N HIS A 12 5.08 -5.92 4.16
CA HIS A 12 4.28 -4.87 4.86
C HIS A 12 2.76 -5.19 4.80
N LEU A 13 2.28 -5.86 3.76
CA LEU A 13 0.80 -6.18 3.64
C LEU A 13 0.55 -7.61 3.09
N ASN A 14 -0.65 -7.95 2.62
CA ASN A 14 -0.92 -9.34 2.07
C ASN A 14 -2.38 -9.53 1.61
N SER A 15 -3.39 -9.13 2.38
CA SER A 15 -4.82 -9.32 1.96
C SER A 15 -5.62 -8.04 2.25
N MET A 16 -6.06 -7.81 3.49
CA MET A 16 -6.81 -6.55 3.84
C MET A 16 -5.78 -5.41 3.91
N GLU A 17 -4.59 -5.71 4.40
CA GLU A 17 -3.48 -4.71 4.44
C GLU A 17 -3.08 -4.38 2.99
N ARG A 18 -3.18 -5.34 2.07
CA ARG A 18 -2.83 -5.10 0.62
C ARG A 18 -3.92 -4.27 -0.04
N VAL A 19 -5.16 -4.65 0.11
CA VAL A 19 -6.30 -3.87 -0.51
C VAL A 19 -6.33 -2.44 -0.02
N GLU A 20 -6.22 -2.24 1.25
CA GLU A 20 -6.13 -0.88 1.83
C GLU A 20 -4.84 -0.22 1.36
N TRP A 21 -3.84 -1.03 1.08
CA TRP A 21 -2.55 -0.54 0.52
C TRP A 21 -2.84 -0.02 -0.88
N LEU A 22 -3.71 -0.73 -1.59
CA LEU A 22 -4.04 -0.31 -2.99
C LEU A 22 -4.87 0.99 -2.89
N ARG A 23 -5.80 1.04 -1.95
CA ARG A 23 -6.63 2.27 -1.70
C ARG A 23 -5.70 3.44 -1.27
N LYS A 24 -4.60 3.13 -0.58
CA LYS A 24 -3.64 4.19 -0.14
C LYS A 24 -2.77 4.62 -1.34
N LYS A 25 -2.49 3.72 -2.26
CA LYS A 25 -1.66 4.07 -3.47
C LYS A 25 -2.40 5.13 -4.32
N LEU A 26 -3.72 5.05 -4.39
CA LEU A 26 -4.52 6.09 -5.13
C LEU A 26 -4.45 7.38 -4.29
N GLN A 27 -4.44 7.24 -2.97
CA GLN A 27 -4.34 8.39 -2.04
C GLN A 27 -2.83 8.79 -1.91
N ASP A 28 -2.11 8.31 -0.88
CA ASP A 28 -0.63 8.61 -0.66
C ASP A 28 -0.35 10.10 -0.30
N VAL A 29 -0.71 11.04 -1.15
CA VAL A 29 -0.45 12.53 -0.90
C VAL A 29 -1.72 13.25 -0.43
N HIS A 30 -2.91 12.84 -0.93
CA HIS A 30 -4.27 13.38 -0.49
C HIS A 30 -4.20 14.04 0.93
N ASN A 31 -3.64 13.33 1.90
CA ASN A 31 -3.44 13.82 3.29
C ASN A 31 -2.07 13.26 3.85
N PHE A 32 -1.17 12.66 2.99
CA PHE A 32 0.20 12.12 3.40
C PHE A 32 0.12 11.24 4.67
N VAL A 33 -0.15 9.94 4.49
CA VAL A 33 -0.25 8.97 5.65
C VAL A 33 -1.18 9.58 6.73
N ALA A 34 -2.38 9.93 6.34
CA ALA A 34 -3.34 10.59 7.26
C ALA A 34 -4.68 9.82 7.29
N LEU A 35 -5.37 9.75 6.17
CA LEU A 35 -6.70 9.02 6.12
C LEU A 35 -7.00 8.59 4.68
N GLU A 2 3.67 -4.56 -12.56
CA GLU A 2 2.80 -5.46 -11.72
C GLU A 2 3.63 -6.62 -11.13
N ILE A 3 3.97 -7.63 -11.93
CA ILE A 3 4.82 -8.78 -11.41
C ILE A 3 6.22 -8.24 -11.04
N GLN A 4 6.90 -8.90 -10.11
CA GLN A 4 8.27 -8.46 -9.59
C GLN A 4 8.05 -7.29 -8.61
N LEU A 5 7.42 -6.21 -9.04
CA LEU A 5 7.11 -5.06 -8.12
C LEU A 5 6.19 -5.58 -6.99
N MET A 6 5.19 -6.37 -7.34
CA MET A 6 4.27 -6.98 -6.32
C MET A 6 5.03 -8.08 -5.53
N HIS A 7 5.96 -8.78 -6.16
CA HIS A 7 6.74 -9.87 -5.44
C HIS A 7 7.46 -9.29 -4.20
N ASN A 8 7.87 -8.03 -4.27
CA ASN A 8 8.58 -7.38 -3.11
C ASN A 8 7.57 -6.62 -2.20
N LEU A 9 6.44 -6.15 -2.73
CA LEU A 9 5.46 -5.37 -1.89
C LEU A 9 4.17 -6.19 -1.64
N GLY A 10 3.36 -6.44 -2.66
CA GLY A 10 2.06 -7.20 -2.49
C GLY A 10 2.31 -8.60 -1.90
N LYS A 11 3.23 -9.37 -2.47
CA LYS A 11 3.54 -10.75 -1.95
C LYS A 11 3.83 -10.69 -0.43
N HIS A 12 4.64 -9.74 0.00
CA HIS A 12 4.95 -9.56 1.45
C HIS A 12 3.67 -9.09 2.20
N LEU A 13 2.90 -8.22 1.56
CA LEU A 13 1.64 -7.67 2.16
C LEU A 13 0.53 -8.74 2.29
N ASN A 14 -0.35 -8.52 3.24
CA ASN A 14 -1.51 -9.46 3.51
C ASN A 14 -2.71 -9.06 2.59
N SER A 15 -3.71 -9.93 2.47
CA SER A 15 -4.92 -9.64 1.58
C SER A 15 -5.60 -8.29 1.96
N MET A 16 -6.06 -8.13 3.20
CA MET A 16 -6.72 -6.83 3.62
C MET A 16 -5.64 -5.73 3.77
N GLU A 17 -4.42 -6.11 4.11
CA GLU A 17 -3.30 -5.11 4.21
C GLU A 17 -2.95 -4.61 2.79
N ARG A 18 -3.22 -5.42 1.76
CA ARG A 18 -2.95 -5.02 0.34
C ARG A 18 -4.06 -4.07 -0.13
N VAL A 19 -5.30 -4.40 0.13
CA VAL A 19 -6.47 -3.53 -0.32
C VAL A 19 -6.44 -2.15 0.31
N GLU A 20 -6.27 -2.08 1.59
CA GLU A 20 -6.13 -0.76 2.27
C GLU A 20 -4.88 -0.03 1.73
N TRP A 21 -3.93 -0.80 1.26
CA TRP A 21 -2.68 -0.28 0.69
C TRP A 21 -2.93 0.19 -0.74
N LEU A 22 -3.69 -0.60 -1.49
CA LEU A 22 -3.94 -0.24 -2.90
C LEU A 22 -4.77 1.06 -2.94
N ARG A 23 -5.74 1.18 -2.04
CA ARG A 23 -6.57 2.43 -1.94
C ARG A 23 -5.66 3.59 -1.47
N LYS A 24 -4.75 3.33 -0.52
CA LYS A 24 -3.80 4.39 -0.03
C LYS A 24 -2.85 4.77 -1.18
N LYS A 25 -2.48 3.81 -2.01
CA LYS A 25 -1.58 4.06 -3.20
C LYS A 25 -2.31 4.93 -4.23
N LEU A 26 -3.59 4.66 -4.45
CA LEU A 26 -4.41 5.49 -5.39
C LEU A 26 -4.56 6.91 -4.79
N GLN A 27 -4.60 6.98 -3.46
CA GLN A 27 -4.71 8.28 -2.75
C GLN A 27 -3.39 9.07 -2.92
N ASP A 28 -2.31 8.71 -2.19
CA ASP A 28 -0.96 9.42 -2.30
C ASP A 28 -1.17 10.96 -2.36
N VAL A 29 -1.29 11.61 -1.20
CA VAL A 29 -1.59 13.10 -1.10
C VAL A 29 -3.10 13.28 -1.24
N HIS A 30 -3.74 12.71 -2.30
CA HIS A 30 -5.24 12.74 -2.48
C HIS A 30 -5.88 13.97 -1.83
N ASN A 31 -5.87 15.12 -2.51
CA ASN A 31 -6.44 16.41 -1.93
C ASN A 31 -5.48 17.02 -0.89
N PHE A 32 -5.06 16.21 0.06
CA PHE A 32 -4.20 16.63 1.16
C PHE A 32 -4.92 17.59 2.12
N VAL A 33 -6.10 17.18 2.55
CA VAL A 33 -6.89 17.95 3.56
C VAL A 33 -6.90 17.07 4.84
N ALA A 34 -5.74 16.50 5.15
CA ALA A 34 -5.60 15.57 6.31
C ALA A 34 -4.73 16.24 7.41
N LEU A 35 -3.49 16.59 7.09
CA LEU A 35 -2.59 17.24 8.11
C LEU A 35 -1.47 18.01 7.38
#